data_8T61
#
_entry.id   8T61
#
_entity_poly.entity_id   1
_entity_poly.type   'polypeptide(L)'
_entity_poly.pdbx_seq_one_letter_code
;RHYYKFNSTGRHYHYY
;
_entity_poly.pdbx_strand_id   A
#
# COMPACT_ATOMS: atom_id res chain seq x y z
N ARG A 1 -8.59 1.72 -6.26
CA ARG A 1 -7.27 2.31 -5.98
C ARG A 1 -7.41 3.64 -5.28
N HIS A 2 -7.93 3.62 -4.05
CA HIS A 2 -8.08 4.84 -3.26
C HIS A 2 -7.29 4.75 -1.96
N TYR A 3 -6.95 3.53 -1.56
CA TYR A 3 -6.27 3.30 -0.29
C TYR A 3 -4.95 2.57 -0.51
N TYR A 4 -4.00 2.79 0.40
CA TYR A 4 -2.71 2.11 0.35
C TYR A 4 -2.58 1.09 1.47
N LYS A 5 -1.80 0.05 1.21
CA LYS A 5 -1.35 -0.86 2.27
C LYS A 5 0.16 -0.80 2.45
N PHE A 6 0.62 -1.12 3.65
CA PHE A 6 2.06 -1.09 3.95
C PHE A 6 2.74 -2.37 3.50
N ASN A 7 3.80 -2.24 2.71
CA ASN A 7 4.58 -3.38 2.26
C ASN A 7 5.72 -3.68 3.23
N SER A 8 6.14 -4.94 3.28
CA SER A 8 7.21 -5.36 4.17
C SER A 8 8.53 -4.69 3.81
N THR A 9 8.61 -4.18 2.59
CA THR A 9 9.82 -3.54 2.11
C THR A 9 9.90 -2.09 2.60
N GLY A 10 8.81 -1.61 3.18
CA GLY A 10 8.71 -0.22 3.57
C GLY A 10 7.97 0.61 2.53
N ARG A 11 7.74 0.01 1.37
CA ARG A 11 6.99 0.66 0.30
C ARG A 11 5.49 0.59 0.55
N HIS A 12 4.73 1.30 -0.26
CA HIS A 12 3.26 1.24 -0.20
C HIS A 12 2.68 0.83 -1.54
N TYR A 13 1.50 0.22 -1.51
CA TYR A 13 0.81 -0.20 -2.72
C TYR A 13 -0.70 -0.09 -2.56
N HIS A 14 -1.39 0.05 -3.69
CA HIS A 14 -2.85 0.08 -3.68
C HIS A 14 -3.45 -1.29 -3.39
N TYR A 15 -4.54 -1.32 -2.64
CA TYR A 15 -5.28 -2.55 -2.42
C TYR A 15 -6.77 -2.34 -2.70
N TYR A 16 -7.36 -1.39 -1.99
CA TYR A 16 -8.74 -0.99 -2.26
C TYR A 16 -8.80 0.22 -3.18
N ARG A 1 -10.90 9.13 -0.86
CA ARG A 1 -9.65 8.83 -0.19
C ARG A 1 -8.98 7.61 -0.80
N HIS A 2 -7.69 7.73 -1.13
CA HIS A 2 -6.93 6.63 -1.66
C HIS A 2 -6.26 5.82 -0.55
N TYR A 3 -6.60 4.54 -0.47
CA TYR A 3 -6.04 3.66 0.55
C TYR A 3 -4.87 2.86 0.01
N TYR A 4 -3.86 2.65 0.84
CA TYR A 4 -2.67 1.92 0.44
C TYR A 4 -2.36 0.80 1.43
N LYS A 5 -1.77 -0.29 0.92
CA LYS A 5 -1.26 -1.35 1.78
C LYS A 5 0.22 -1.17 2.08
N PHE A 6 0.58 -1.31 3.34
CA PHE A 6 1.98 -1.20 3.76
C PHE A 6 2.74 -2.50 3.50
N ASN A 7 3.81 -2.40 2.72
CA ASN A 7 4.67 -3.55 2.44
C ASN A 7 5.78 -3.67 3.47
N SER A 8 6.27 -4.89 3.66
CA SER A 8 7.34 -5.15 4.63
C SER A 8 8.62 -4.42 4.24
N THR A 9 8.71 -4.05 2.97
CA THR A 9 9.89 -3.35 2.46
C THR A 9 9.82 -1.86 2.77
N GLY A 10 8.66 -1.41 3.22
CA GLY A 10 8.42 0.01 3.45
C GLY A 10 7.71 0.64 2.25
N ARG A 11 7.60 -0.12 1.17
CA ARG A 11 6.89 0.33 -0.02
C ARG A 11 5.38 0.32 0.20
N HIS A 12 4.67 1.13 -0.59
CA HIS A 12 3.21 1.18 -0.50
C HIS A 12 2.58 0.82 -1.84
N TYR A 13 1.46 0.11 -1.80
CA TYR A 13 0.71 -0.22 -3.00
C TYR A 13 -0.77 0.13 -2.83
N HIS A 14 -1.38 0.63 -3.91
CA HIS A 14 -2.77 1.05 -3.86
C HIS A 14 -3.69 -0.13 -3.56
N TYR A 15 -4.67 0.10 -2.68
CA TYR A 15 -5.64 -0.92 -2.33
C TYR A 15 -6.63 -1.14 -3.46
N TYR A 16 -6.99 -2.41 -3.70
CA TYR A 16 -8.07 -2.73 -4.64
C TYR A 16 -9.03 -3.73 -4.01
N ARG A 1 -8.14 1.30 -6.17
CA ARG A 1 -7.03 2.22 -5.95
C ARG A 1 -7.48 3.45 -5.17
N HIS A 2 -8.03 3.23 -3.99
CA HIS A 2 -8.51 4.31 -3.14
C HIS A 2 -7.63 4.48 -1.90
N TYR A 3 -7.04 3.38 -1.45
CA TYR A 3 -6.21 3.40 -0.25
C TYR A 3 -4.92 2.61 -0.46
N TYR A 4 -3.98 2.78 0.45
CA TYR A 4 -2.69 2.09 0.36
C TYR A 4 -2.57 1.03 1.44
N LYS A 5 -1.70 0.04 1.19
CA LYS A 5 -1.31 -0.90 2.23
C LYS A 5 0.20 -0.93 2.41
N PHE A 6 0.64 -1.06 3.65
CA PHE A 6 2.07 -1.07 3.97
C PHE A 6 2.72 -2.37 3.52
N ASN A 7 3.79 -2.24 2.74
CA ASN A 7 4.56 -3.40 2.31
C ASN A 7 5.71 -3.70 3.26
N SER A 8 6.13 -4.96 3.30
CA SER A 8 7.20 -5.38 4.19
C SER A 8 8.51 -4.70 3.82
N THR A 9 8.60 -4.20 2.60
CA THR A 9 9.81 -3.53 2.13
C THR A 9 9.88 -2.09 2.61
N GLY A 10 8.78 -1.61 3.19
CA GLY A 10 8.67 -0.21 3.57
C GLY A 10 7.93 0.60 2.52
N ARG A 11 7.71 -0.01 1.36
CA ARG A 11 6.98 0.64 0.28
C ARG A 11 5.47 0.58 0.53
N HIS A 12 4.71 1.32 -0.28
CA HIS A 12 3.27 1.26 -0.22
C HIS A 12 2.67 0.92 -1.59
N TYR A 13 1.53 0.26 -1.58
CA TYR A 13 0.82 -0.07 -2.82
C TYR A 13 -0.69 -0.07 -2.61
N HIS A 14 -1.44 -0.05 -3.71
CA HIS A 14 -2.90 -0.05 -3.64
C HIS A 14 -3.44 -1.46 -3.41
N TYR A 15 -3.97 -1.70 -2.22
CA TYR A 15 -4.63 -2.97 -1.92
C TYR A 15 -6.14 -2.80 -1.86
N TYR A 16 -6.60 -1.57 -2.09
CA TYR A 16 -8.02 -1.25 -1.99
C TYR A 16 -8.50 -0.51 -3.22
N ARG A 1 -8.86 5.49 -4.01
CA ARG A 1 -7.62 6.19 -4.32
C ARG A 1 -7.03 6.85 -3.09
N HIS A 2 -7.43 6.38 -1.92
CA HIS A 2 -7.10 7.03 -0.66
C HIS A 2 -6.53 6.04 0.35
N TYR A 3 -6.52 4.76 -0.03
CA TYR A 3 -6.01 3.71 0.84
C TYR A 3 -4.87 2.94 0.17
N TYR A 4 -3.80 2.70 0.91
CA TYR A 4 -2.66 1.97 0.39
C TYR A 4 -2.23 0.86 1.35
N LYS A 5 -1.72 -0.24 0.80
CA LYS A 5 -1.24 -1.34 1.60
C LYS A 5 0.24 -1.18 1.93
N PHE A 6 0.58 -1.33 3.21
CA PHE A 6 1.96 -1.21 3.65
C PHE A 6 2.72 -2.51 3.44
N ASN A 7 3.84 -2.43 2.72
CA ASN A 7 4.69 -3.59 2.49
C ASN A 7 5.79 -3.68 3.53
N SER A 8 6.30 -4.89 3.74
CA SER A 8 7.37 -5.11 4.72
C SER A 8 8.64 -4.38 4.32
N THR A 9 8.74 -4.03 3.05
CA THR A 9 9.92 -3.34 2.53
C THR A 9 9.79 -1.83 2.66
N GLY A 10 8.66 -1.39 3.23
CA GLY A 10 8.42 0.04 3.43
C GLY A 10 7.69 0.64 2.24
N ARG A 11 7.51 -0.16 1.19
CA ARG A 11 6.81 0.29 0.00
C ARG A 11 5.30 0.31 0.20
N HIS A 12 4.62 1.12 -0.59
CA HIS A 12 3.16 1.20 -0.53
C HIS A 12 2.54 0.84 -1.87
N TYR A 13 1.43 0.10 -1.83
CA TYR A 13 0.71 -0.27 -3.04
C TYR A 13 -0.76 0.10 -2.94
N HIS A 14 -1.34 0.49 -4.08
CA HIS A 14 -2.74 0.89 -4.11
C HIS A 14 -3.66 -0.19 -3.57
N TYR A 15 -4.55 0.20 -2.66
CA TYR A 15 -5.48 -0.75 -2.06
C TYR A 15 -6.91 -0.44 -2.47
N TYR A 16 -7.33 0.80 -2.27
CA TYR A 16 -8.71 1.21 -2.56
C TYR A 16 -8.78 2.69 -2.89
N ARG A 1 -8.84 0.49 -5.60
CA ARG A 1 -7.55 1.15 -5.53
C ARG A 1 -7.70 2.59 -5.07
N HIS A 2 -8.20 2.78 -3.85
CA HIS A 2 -8.39 4.10 -3.29
C HIS A 2 -7.49 4.34 -2.09
N TYR A 3 -7.09 3.25 -1.44
CA TYR A 3 -6.25 3.33 -0.25
C TYR A 3 -5.06 2.39 -0.35
N TYR A 4 -3.99 2.71 0.39
CA TYR A 4 -2.74 1.98 0.28
C TYR A 4 -2.58 0.97 1.41
N LYS A 5 -1.69 0.00 1.21
CA LYS A 5 -1.29 -0.90 2.28
C LYS A 5 0.22 -0.91 2.46
N PHE A 6 0.66 -0.95 3.71
CA PHE A 6 2.09 -0.98 4.01
C PHE A 6 2.72 -2.31 3.56
N ASN A 7 3.81 -2.20 2.81
CA ASN A 7 4.54 -3.38 2.35
C ASN A 7 5.71 -3.70 3.29
N SER A 8 6.11 -4.96 3.31
CA SER A 8 7.20 -5.40 4.17
C SER A 8 8.52 -4.73 3.79
N THR A 9 8.57 -4.22 2.56
CA THR A 9 9.78 -3.57 2.06
C THR A 9 9.86 -2.13 2.56
N GLY A 10 8.79 -1.65 3.16
CA GLY A 10 8.70 -0.25 3.57
C GLY A 10 7.95 0.58 2.54
N ARG A 11 7.71 -0.01 1.36
CA ARG A 11 6.97 0.65 0.30
C ARG A 11 5.47 0.59 0.55
N HIS A 12 4.72 1.35 -0.24
CA HIS A 12 3.26 1.29 -0.21
C HIS A 12 2.69 0.95 -1.57
N TYR A 13 1.54 0.28 -1.58
CA TYR A 13 0.86 -0.04 -2.83
C TYR A 13 -0.66 -0.01 -2.64
N HIS A 14 -1.38 0.08 -3.75
CA HIS A 14 -2.84 0.09 -3.73
C HIS A 14 -3.39 -1.28 -3.35
N TYR A 15 -4.20 -1.31 -2.29
CA TYR A 15 -4.77 -2.55 -1.80
C TYR A 15 -6.29 -2.52 -1.85
N TYR A 16 -6.87 -1.41 -1.41
CA TYR A 16 -8.33 -1.33 -1.24
C TYR A 16 -8.99 -0.75 -2.48
N ARG A 1 -11.06 9.23 -2.51
CA ARG A 1 -11.23 8.16 -1.55
C ARG A 1 -10.40 6.94 -1.93
N HIS A 2 -9.09 7.12 -2.04
CA HIS A 2 -8.18 6.03 -2.35
C HIS A 2 -7.50 5.51 -1.09
N TYR A 3 -7.19 4.22 -1.08
CA TYR A 3 -6.58 3.58 0.08
C TYR A 3 -5.43 2.68 -0.33
N TYR A 4 -4.46 2.52 0.56
CA TYR A 4 -3.25 1.74 0.26
C TYR A 4 -2.80 0.94 1.47
N LYS A 5 -1.93 -0.04 1.22
CA LYS A 5 -1.36 -0.85 2.29
C LYS A 5 0.15 -0.72 2.35
N PHE A 6 0.74 -1.13 3.46
CA PHE A 6 2.18 -1.06 3.64
C PHE A 6 2.85 -2.39 3.36
N ASN A 7 3.96 -2.36 2.64
CA ASN A 7 4.73 -3.56 2.34
C ASN A 7 5.82 -3.78 3.40
N SER A 8 6.29 -5.01 3.51
CA SER A 8 7.34 -5.36 4.45
C SER A 8 8.65 -4.66 4.09
N THR A 9 8.76 -4.22 2.84
CA THR A 9 9.94 -3.52 2.37
C THR A 9 9.90 -2.04 2.76
N GLY A 10 8.74 -1.60 3.26
CA GLY A 10 8.52 -0.19 3.55
C GLY A 10 7.83 0.52 2.39
N ARG A 11 7.74 -0.16 1.26
CA ARG A 11 7.08 0.39 0.08
C ARG A 11 5.57 0.40 0.25
N HIS A 12 4.90 1.32 -0.44
CA HIS A 12 3.45 1.38 -0.42
C HIS A 12 2.86 0.81 -1.70
N TYR A 13 1.64 0.30 -1.61
CA TYR A 13 0.88 -0.10 -2.79
C TYR A 13 -0.62 0.07 -2.58
N HIS A 14 -1.33 0.35 -3.66
CA HIS A 14 -2.76 0.66 -3.57
C HIS A 14 -3.61 -0.59 -3.73
N TYR A 15 -4.81 -0.56 -3.20
CA TYR A 15 -5.78 -1.63 -3.40
C TYR A 15 -7.16 -1.08 -3.75
N TYR A 16 -7.28 0.25 -3.70
CA TYR A 16 -8.55 0.90 -3.97
C TYR A 16 -8.35 2.31 -4.50
N ARG A 1 -10.47 4.89 -2.65
CA ARG A 1 -10.01 5.73 -3.76
C ARG A 1 -8.51 5.98 -3.68
N HIS A 2 -8.01 6.23 -2.47
CA HIS A 2 -6.58 6.39 -2.25
C HIS A 2 -6.10 5.50 -1.12
N TYR A 3 -6.59 4.27 -1.08
CA TYR A 3 -6.23 3.32 -0.04
C TYR A 3 -4.93 2.60 -0.37
N TYR A 4 -3.98 2.64 0.56
CA TYR A 4 -2.72 1.92 0.40
C TYR A 4 -2.51 0.91 1.52
N LYS A 5 -1.77 -0.15 1.22
CA LYS A 5 -1.29 -1.07 2.25
C LYS A 5 0.21 -0.94 2.44
N PHE A 6 0.66 -1.20 3.67
CA PHE A 6 2.08 -1.12 3.99
C PHE A 6 2.79 -2.43 3.66
N ASN A 7 3.82 -2.35 2.83
CA ASN A 7 4.61 -3.51 2.47
C ASN A 7 5.78 -3.71 3.43
N SER A 8 6.25 -4.94 3.55
CA SER A 8 7.35 -5.26 4.44
C SER A 8 8.64 -4.56 4.00
N THR A 9 8.67 -4.14 2.74
CA THR A 9 9.85 -3.46 2.20
C THR A 9 9.84 -1.98 2.58
N GLY A 10 8.73 -1.52 3.14
CA GLY A 10 8.56 -0.10 3.45
C GLY A 10 7.79 0.62 2.34
N ARG A 11 7.61 -0.07 1.22
CA ARG A 11 6.88 0.49 0.09
C ARG A 11 5.38 0.43 0.33
N HIS A 12 4.62 1.23 -0.41
CA HIS A 12 3.17 1.21 -0.35
C HIS A 12 2.56 0.85 -1.70
N TYR A 13 1.43 0.15 -1.67
CA TYR A 13 0.74 -0.23 -2.90
C TYR A 13 -0.72 0.19 -2.85
N HIS A 14 -1.21 0.74 -3.95
CA HIS A 14 -2.62 1.11 -4.07
C HIS A 14 -3.48 -0.11 -4.38
N TYR A 15 -4.64 -0.18 -3.74
CA TYR A 15 -5.57 -1.28 -3.97
C TYR A 15 -6.97 -0.76 -4.28
N TYR A 16 -7.49 0.09 -3.41
CA TYR A 16 -8.89 0.50 -3.48
C TYR A 16 -9.01 2.02 -3.56
N ARG A 1 -11.31 7.89 -1.96
CA ARG A 1 -11.80 6.66 -2.56
C ARG A 1 -10.68 5.63 -2.72
N HIS A 2 -9.45 6.10 -2.68
CA HIS A 2 -8.29 5.23 -2.83
C HIS A 2 -7.76 4.80 -1.47
N TYR A 3 -7.27 3.57 -1.39
CA TYR A 3 -6.67 3.05 -0.16
C TYR A 3 -5.35 2.36 -0.44
N TYR A 4 -4.38 2.56 0.44
CA TYR A 4 -3.04 1.98 0.26
C TYR A 4 -2.65 1.15 1.47
N LYS A 5 -1.81 0.14 1.22
CA LYS A 5 -1.34 -0.75 2.30
C LYS A 5 0.17 -0.68 2.44
N PHE A 6 0.66 -1.00 3.63
CA PHE A 6 2.09 -0.97 3.92
C PHE A 6 2.76 -2.27 3.49
N ASN A 7 3.81 -2.16 2.69
CA ASN A 7 4.58 -3.32 2.27
C ASN A 7 5.70 -3.63 3.24
N SER A 8 6.08 -4.90 3.32
CA SER A 8 7.12 -5.34 4.24
C SER A 8 8.48 -4.73 3.88
N THR A 9 8.58 -4.27 2.64
CA THR A 9 9.83 -3.67 2.15
C THR A 9 9.96 -2.23 2.61
N GLY A 10 8.89 -1.68 3.17
CA GLY A 10 8.85 -0.27 3.54
C GLY A 10 8.12 0.56 2.49
N ARG A 11 7.86 -0.06 1.34
CA ARG A 11 7.13 0.59 0.27
C ARG A 11 5.63 0.57 0.53
N HIS A 12 4.88 1.31 -0.28
CA HIS A 12 3.42 1.27 -0.23
C HIS A 12 2.83 0.87 -1.57
N TYR A 13 1.63 0.29 -1.53
CA TYR A 13 0.94 -0.10 -2.75
C TYR A 13 -0.58 0.06 -2.60
N HIS A 14 -1.26 0.21 -3.72
CA HIS A 14 -2.71 0.35 -3.72
C HIS A 14 -3.40 -0.95 -3.32
N TYR A 15 -4.44 -0.83 -2.50
CA TYR A 15 -5.22 -1.99 -2.08
C TYR A 15 -5.80 -2.71 -3.30
N TYR A 16 -5.73 -4.05 -3.27
CA TYR A 16 -6.32 -4.86 -4.32
C TYR A 16 -7.53 -5.64 -3.80
N ARG A 1 -12.27 4.76 -3.84
CA ARG A 1 -11.73 4.19 -2.61
C ARG A 1 -10.23 3.90 -2.75
N HIS A 2 -9.45 4.97 -2.93
CA HIS A 2 -8.03 4.83 -3.16
C HIS A 2 -7.26 4.62 -1.87
N TYR A 3 -7.35 3.42 -1.31
CA TYR A 3 -6.62 3.07 -0.10
C TYR A 3 -5.30 2.38 -0.43
N TYR A 4 -4.29 2.65 0.39
CA TYR A 4 -2.97 2.05 0.21
C TYR A 4 -2.56 1.24 1.44
N LYS A 5 -1.78 0.19 1.21
CA LYS A 5 -1.33 -0.68 2.29
C LYS A 5 0.19 -0.66 2.44
N PHE A 6 0.66 -0.95 3.65
CA PHE A 6 2.09 -0.94 3.92
C PHE A 6 2.74 -2.26 3.49
N ASN A 7 3.81 -2.15 2.70
CA ASN A 7 4.56 -3.32 2.27
C ASN A 7 5.69 -3.64 3.23
N SER A 8 6.07 -4.92 3.28
CA SER A 8 7.13 -5.36 4.17
C SER A 8 8.47 -4.74 3.81
N THR A 9 8.57 -4.25 2.57
CA THR A 9 9.80 -3.64 2.09
C THR A 9 9.94 -2.21 2.57
N GLY A 10 8.89 -1.68 3.16
CA GLY A 10 8.85 -0.28 3.57
C GLY A 10 8.11 0.57 2.55
N ARG A 11 7.84 -0.01 1.38
CA ARG A 11 7.09 0.67 0.34
C ARG A 11 5.59 0.60 0.60
N HIS A 12 4.82 1.32 -0.21
CA HIS A 12 3.36 1.22 -0.17
C HIS A 12 2.81 0.79 -1.52
N TYR A 13 1.61 0.20 -1.50
CA TYR A 13 0.96 -0.22 -2.73
C TYR A 13 -0.56 -0.05 -2.63
N HIS A 14 -1.22 0.03 -3.78
CA HIS A 14 -2.66 0.23 -3.82
C HIS A 14 -3.40 -1.02 -3.34
N TYR A 15 -4.43 -0.81 -2.52
CA TYR A 15 -5.29 -1.91 -2.08
C TYR A 15 -6.03 -2.52 -3.27
N TYR A 16 -6.11 -3.85 -3.27
CA TYR A 16 -6.91 -4.56 -4.26
C TYR A 16 -7.93 -5.49 -3.59
N ARG A 1 -8.46 2.61 -6.51
CA ARG A 1 -7.07 2.81 -6.11
C ARG A 1 -6.90 4.11 -5.33
N HIS A 2 -7.47 4.16 -4.13
CA HIS A 2 -7.40 5.36 -3.30
C HIS A 2 -6.76 5.05 -1.95
N TYR A 3 -6.75 3.78 -1.57
CA TYR A 3 -6.24 3.36 -0.28
C TYR A 3 -4.99 2.51 -0.43
N TYR A 4 -4.07 2.65 0.52
CA TYR A 4 -2.75 2.04 0.41
C TYR A 4 -2.51 1.03 1.51
N LYS A 5 -1.72 0.00 1.22
CA LYS A 5 -1.31 -0.97 2.22
C LYS A 5 0.21 -0.96 2.40
N PHE A 6 0.65 -1.14 3.64
CA PHE A 6 2.07 -1.12 3.96
C PHE A 6 2.75 -2.42 3.55
N ASN A 7 3.81 -2.30 2.75
CA ASN A 7 4.60 -3.46 2.34
C ASN A 7 5.75 -3.71 3.31
N SER A 8 6.19 -4.97 3.39
CA SER A 8 7.27 -5.34 4.28
C SER A 8 8.58 -4.66 3.90
N THR A 9 8.65 -4.19 2.66
CA THR A 9 9.84 -3.52 2.15
C THR A 9 9.88 -2.06 2.60
N GLY A 10 8.78 -1.59 3.16
CA GLY A 10 8.64 -0.18 3.53
C GLY A 10 7.88 0.60 2.45
N ARG A 11 7.68 -0.04 1.31
CA ARG A 11 6.95 0.57 0.21
C ARG A 11 5.44 0.52 0.46
N HIS A 12 4.70 1.33 -0.29
CA HIS A 12 3.25 1.30 -0.24
C HIS A 12 2.66 0.96 -1.60
N TYR A 13 1.50 0.31 -1.58
CA TYR A 13 0.79 -0.03 -2.82
C TYR A 13 -0.72 0.00 -2.61
N HIS A 14 -1.46 0.08 -3.71
CA HIS A 14 -2.91 0.15 -3.65
C HIS A 14 -3.53 -1.22 -3.39
N TYR A 15 -4.63 -1.23 -2.65
CA TYR A 15 -5.42 -2.45 -2.46
C TYR A 15 -6.89 -2.20 -2.73
N TYR A 16 -7.25 -0.93 -2.89
CA TYR A 16 -8.65 -0.56 -3.10
C TYR A 16 -8.77 0.87 -3.62
#